data_2QIW
#
_entry.id   2QIW
#
_cell.length_a   82.520
_cell.length_b   94.560
_cell.length_c   107.970
_cell.angle_alpha   90.000
_cell.angle_beta   90.000
_cell.angle_gamma   90.000
#
_symmetry.space_group_name_H-M   'P 21 21 21'
#
loop_
_entity.id
_entity.type
_entity.pdbx_description
1 polymer 'PEP phosphonomutase'
2 non-polymer 'SULFATE ION'
3 non-polymer 'UNKNOWN LIGAND'
4 non-polymer GLYCEROL
5 non-polymer 'CHLORIDE ION'
6 non-polymer 'HEXAETHYLENE GLYCOL'
7 water water
#
_entity_poly.entity_id   1
_entity_poly.type   'polypeptide(L)'
_entity_poly.pdbx_seq_one_letter_code
;G(MSE)SDLKSLATKFASDHESGKLLVLPTVWDTWSAGLVEEAGFSGLTIGSHPVADATGSSDGEN(MSE)NFADY
(MSE)AVVKKITSAVSIPVSVDVESGYGLSPADLIAQILEAGAVGINVEDVVHSEGKRVREAQEHADYIAAARQAADVAG
VDVVINGRTDAVKLGADVFEDP(MSE)VEAIKRIKL(MSE)EQAGARSVYPVGLSTAEQVERLVDAVSVPVNITAHPVDG
HGAGDLATLAGLGVRRVTFGPLWQKWLAATSAQQLKGWA
;
_entity_poly.pdbx_strand_id   A,B
#
# COMPACT_ATOMS: atom_id res chain seq x y z
N GLY A 1 -21.67 4.67 13.98
CA GLY A 1 -21.84 3.88 15.23
C GLY A 1 -22.55 2.60 14.91
N SER A 3 -25.68 1.79 14.68
CA SER A 3 -26.77 1.85 13.70
C SER A 3 -26.23 1.76 12.28
N ASP A 4 -25.20 2.55 11.98
CA ASP A 4 -24.60 2.51 10.65
CA ASP A 4 -24.63 2.51 10.66
C ASP A 4 -24.01 1.12 10.36
N LEU A 5 -23.37 0.53 11.35
CA LEU A 5 -22.74 -0.77 11.18
C LEU A 5 -23.80 -1.85 10.86
N LYS A 6 -24.89 -1.85 11.62
CA LYS A 6 -26.01 -2.76 11.41
C LYS A 6 -26.62 -2.56 10.02
N SER A 7 -26.75 -1.31 9.60
CA SER A 7 -27.25 -1.05 8.28
C SER A 7 -26.33 -1.56 7.16
N LEU A 8 -25.03 -1.36 7.31
CA LEU A 8 -24.02 -1.86 6.40
C LEU A 8 -24.08 -3.39 6.33
N ALA A 9 -24.17 -4.04 7.48
CA ALA A 9 -24.20 -5.49 7.54
C ALA A 9 -25.45 -6.03 6.85
N THR A 10 -26.59 -5.42 7.14
CA THR A 10 -27.87 -5.88 6.54
C THR A 10 -27.84 -5.75 5.02
N LYS A 11 -27.34 -4.61 4.51
CA LYS A 11 -27.16 -4.44 3.04
C LYS A 11 -26.23 -5.54 2.44
N PHE A 12 -25.09 -5.75 3.08
CA PHE A 12 -24.10 -6.78 2.65
C PHE A 12 -24.76 -8.17 2.65
N ALA A 13 -25.43 -8.52 3.74
CA ALA A 13 -26.12 -9.84 3.87
C ALA A 13 -27.24 -9.99 2.82
N SER A 14 -28.00 -8.93 2.62
CA SER A 14 -29.11 -8.93 1.65
CA SER A 14 -29.11 -9.01 1.65
C SER A 14 -28.55 -9.13 0.22
N ASP A 15 -27.46 -8.46 -0.08
CA ASP A 15 -26.77 -8.60 -1.36
C ASP A 15 -26.34 -10.04 -1.57
N HIS A 16 -25.84 -10.68 -0.51
CA HIS A 16 -25.45 -12.10 -0.62
C HIS A 16 -26.65 -13.01 -0.87
N GLU A 17 -27.80 -12.73 -0.26
CA GLU A 17 -28.96 -13.58 -0.40
C GLU A 17 -29.68 -13.35 -1.71
N SER A 18 -29.43 -12.21 -2.34
CA SER A 18 -30.22 -11.76 -3.48
C SER A 18 -30.09 -12.63 -4.74
N GLY A 19 -28.97 -13.28 -4.90
CA GLY A 19 -28.67 -13.94 -6.18
C GLY A 19 -27.71 -13.18 -7.05
N LYS A 20 -27.46 -11.92 -6.73
CA LYS A 20 -26.57 -11.09 -7.56
C LYS A 20 -25.19 -11.66 -7.50
N LEU A 21 -24.48 -11.50 -8.60
CA LEU A 21 -23.04 -11.81 -8.60
CA LEU A 21 -23.03 -11.80 -8.62
C LEU A 21 -22.32 -10.61 -8.00
N LEU A 22 -21.65 -10.85 -6.89
CA LEU A 22 -20.94 -9.85 -6.09
C LEU A 22 -19.47 -9.93 -6.35
N VAL A 23 -18.93 -8.87 -6.93
CA VAL A 23 -17.47 -8.71 -7.04
C VAL A 23 -17.03 -7.78 -5.92
N LEU A 24 -16.15 -8.27 -5.05
CA LEU A 24 -15.68 -7.59 -3.85
C LEU A 24 -14.17 -7.52 -3.89
N PRO A 25 -13.62 -6.53 -4.63
CA PRO A 25 -12.17 -6.42 -4.80
C PRO A 25 -11.41 -6.43 -3.48
N THR A 26 -10.23 -7.06 -3.49
CA THR A 26 -9.46 -7.32 -2.30
C THR A 26 -8.34 -6.30 -2.16
N VAL A 27 -8.47 -5.50 -1.10
CA VAL A 27 -7.63 -4.32 -0.83
C VAL A 27 -6.66 -4.62 0.30
N TRP A 28 -5.74 -3.66 0.52
CA TRP A 28 -4.72 -3.83 1.57
C TRP A 28 -4.35 -2.52 2.27
N ASP A 29 -5.04 -1.44 1.94
CA ASP A 29 -4.77 -0.15 2.58
C ASP A 29 -5.89 0.84 2.25
N THR A 30 -5.78 2.07 2.75
CA THR A 30 -6.86 3.06 2.49
C THR A 30 -6.88 3.54 1.05
N TRP A 31 -5.74 3.45 0.39
CA TRP A 31 -5.57 3.92 -0.99
C TRP A 31 -6.32 2.98 -1.93
N SER A 32 -5.98 1.70 -1.86
CA SER A 32 -6.69 0.68 -2.60
C SER A 32 -8.21 0.63 -2.29
N ALA A 33 -8.55 0.77 -1.01
CA ALA A 33 -9.92 0.83 -0.59
C ALA A 33 -10.67 1.95 -1.30
N GLY A 34 -10.08 3.13 -1.32
CA GLY A 34 -10.70 4.26 -1.99
C GLY A 34 -10.95 4.01 -3.45
N LEU A 35 -10.01 3.38 -4.11
CA LEU A 35 -10.16 3.06 -5.53
C LEU A 35 -11.38 2.16 -5.75
N VAL A 36 -11.60 1.23 -4.83
CA VAL A 36 -12.75 0.29 -4.99
C VAL A 36 -14.08 1.05 -4.91
N GLU A 37 -14.18 1.92 -3.93
CA GLU A 37 -15.39 2.70 -3.76
C GLU A 37 -15.61 3.64 -4.95
N GLU A 38 -14.52 4.27 -5.42
CA GLU A 38 -14.58 5.18 -6.57
CA GLU A 38 -14.59 5.18 -6.57
C GLU A 38 -15.05 4.45 -7.83
N ALA A 39 -14.64 3.19 -7.97
CA ALA A 39 -14.94 2.33 -9.12
C ALA A 39 -16.38 1.80 -9.09
N GLY A 40 -17.09 2.03 -8.00
CA GLY A 40 -18.55 1.73 -7.99
C GLY A 40 -18.95 0.36 -7.45
N PHE A 41 -18.04 -0.35 -6.78
CA PHE A 41 -18.37 -1.63 -6.18
C PHE A 41 -19.23 -1.44 -4.91
N SER A 42 -19.98 -2.49 -4.53
CA SER A 42 -20.95 -2.42 -3.44
C SER A 42 -20.42 -2.95 -2.12
N GLY A 43 -19.18 -3.41 -2.14
CA GLY A 43 -18.45 -3.81 -0.96
C GLY A 43 -17.05 -4.19 -1.35
N LEU A 44 -16.26 -4.53 -0.35
CA LEU A 44 -14.91 -4.92 -0.60
C LEU A 44 -14.40 -5.89 0.43
N THR A 45 -13.27 -6.51 0.09
CA THR A 45 -12.59 -7.44 1.01
C THR A 45 -11.21 -6.90 1.34
N ILE A 46 -10.72 -7.30 2.52
CA ILE A 46 -9.38 -6.99 2.96
C ILE A 46 -8.64 -8.32 3.01
N GLY A 47 -7.51 -8.35 2.32
CA GLY A 47 -6.74 -9.56 2.18
C GLY A 47 -5.61 -9.64 3.21
N SER A 48 -5.47 -10.77 3.89
CA SER A 48 -4.45 -10.85 4.96
C SER A 48 -3.04 -10.85 4.36
N HIS A 49 -2.85 -11.54 3.24
CA HIS A 49 -1.55 -11.63 2.57
CA HIS A 49 -1.50 -11.60 2.61
C HIS A 49 -1.10 -10.23 2.07
N PRO A 50 -1.99 -9.58 1.28
CA PRO A 50 -1.49 -8.27 0.86
C PRO A 50 -1.31 -7.18 1.94
N VAL A 51 -2.14 -7.20 2.99
CA VAL A 51 -1.87 -6.32 4.10
C VAL A 51 -0.50 -6.66 4.74
N ALA A 52 -0.27 -7.94 5.03
CA ALA A 52 1.01 -8.33 5.68
C ALA A 52 2.18 -7.89 4.88
N ASP A 53 2.10 -8.09 3.56
CA ASP A 53 3.25 -7.77 2.71
C ASP A 53 3.49 -6.27 2.64
N ALA A 54 2.40 -5.50 2.81
CA ALA A 54 2.49 -4.02 2.81
C ALA A 54 2.85 -3.39 4.16
N THR A 55 2.86 -4.18 5.24
CA THR A 55 3.09 -3.68 6.58
C THR A 55 4.25 -4.39 7.29
N GLY A 56 5.17 -4.94 6.50
CA GLY A 56 6.39 -5.52 7.05
C GLY A 56 6.25 -6.88 7.70
N SER A 57 5.25 -7.64 7.33
CA SER A 57 5.01 -8.95 7.94
C SER A 57 4.82 -9.99 6.82
N SER A 58 4.25 -11.13 7.14
CA SER A 58 3.94 -12.17 6.14
C SER A 58 2.62 -12.86 6.49
N ASP A 59 2.08 -13.62 5.55
CA ASP A 59 0.78 -14.33 5.75
C ASP A 59 0.95 -15.47 6.77
N GLY A 60 -0.14 -16.08 7.20
CA GLY A 60 -0.06 -17.19 8.15
C GLY A 60 -0.07 -16.72 9.61
N GLU A 61 -0.80 -15.64 9.89
CA GLU A 61 -0.92 -15.14 11.28
C GLU A 61 0.41 -14.74 11.88
N ASN A 62 1.33 -14.27 11.05
CA ASN A 62 2.53 -13.60 11.56
C ASN A 62 2.29 -12.17 11.96
N ASN A 64 0.58 -9.15 14.03
CA ASN A 64 -0.07 -8.89 15.30
C ASN A 64 -1.52 -8.53 15.03
N PHE A 65 -2.44 -9.23 15.66
CA PHE A 65 -3.85 -9.06 15.35
C PHE A 65 -4.33 -7.64 15.62
N ALA A 66 -3.91 -7.05 16.75
CA ALA A 66 -4.28 -5.67 17.05
C ALA A 66 -3.82 -4.70 15.99
N ASP A 67 -2.59 -4.91 15.50
CA ASP A 67 -2.05 -4.09 14.44
C ASP A 67 -2.85 -4.25 13.15
N TYR A 68 -3.26 -5.48 12.87
CA TYR A 68 -4.12 -5.75 11.71
C TYR A 68 -5.47 -5.07 11.86
N ALA A 70 -6.09 -2.40 13.45
CA ALA A 70 -5.84 -0.98 13.23
C ALA A 70 -5.89 -0.61 11.74
N VAL A 71 -5.31 -1.46 10.88
CA VAL A 71 -5.44 -1.27 9.43
C VAL A 71 -6.89 -1.39 9.00
N VAL A 72 -7.61 -2.40 9.49
CA VAL A 72 -9.02 -2.59 9.14
C VAL A 72 -9.82 -1.34 9.52
N LYS A 73 -9.56 -0.78 10.69
CA LYS A 73 -10.27 0.41 11.17
CA LYS A 73 -10.29 0.39 11.14
C LYS A 73 -10.11 1.61 10.24
N LYS A 74 -8.89 1.79 9.74
CA LYS A 74 -8.60 2.86 8.81
C LYS A 74 -9.37 2.69 7.50
N ILE A 75 -9.42 1.44 7.03
CA ILE A 75 -10.13 1.10 5.84
C ILE A 75 -11.64 1.32 5.97
N THR A 76 -12.25 0.81 7.05
CA THR A 76 -13.70 1.00 7.18
C THR A 76 -14.06 2.48 7.41
N SER A 77 -13.14 3.24 7.98
CA SER A 77 -13.34 4.68 8.11
C SER A 77 -13.23 5.39 6.77
N ALA A 78 -12.44 4.85 5.85
CA ALA A 78 -12.15 5.52 4.59
C ALA A 78 -13.26 5.34 3.55
N VAL A 79 -14.12 4.33 3.69
CA VAL A 79 -15.14 4.03 2.71
C VAL A 79 -16.50 3.94 3.39
N SER A 80 -17.56 4.03 2.60
CA SER A 80 -18.93 3.98 3.11
CA SER A 80 -18.94 4.01 3.06
C SER A 80 -19.66 2.75 2.61
N ILE A 81 -18.93 1.82 2.03
CA ILE A 81 -19.50 0.55 1.59
C ILE A 81 -19.08 -0.56 2.56
N PRO A 82 -19.83 -1.67 2.59
CA PRO A 82 -19.47 -2.77 3.47
C PRO A 82 -18.08 -3.36 3.23
N VAL A 83 -17.43 -3.69 4.32
CA VAL A 83 -16.07 -4.25 4.32
C VAL A 83 -16.05 -5.59 5.03
N SER A 84 -15.42 -6.57 4.39
CA SER A 84 -15.20 -7.89 4.97
C SER A 84 -13.69 -8.08 5.11
N VAL A 85 -13.29 -8.70 6.22
CA VAL A 85 -11.86 -8.92 6.53
C VAL A 85 -11.50 -10.39 6.68
N ASP A 86 -10.45 -10.81 5.96
CA ASP A 86 -9.90 -12.13 6.09
C ASP A 86 -9.14 -12.22 7.41
N VAL A 87 -9.67 -13.02 8.34
CA VAL A 87 -9.03 -13.17 9.66
C VAL A 87 -8.34 -14.52 9.79
N GLU A 88 -7.95 -15.09 8.64
CA GLU A 88 -7.18 -16.32 8.59
C GLU A 88 -7.88 -17.42 9.38
N SER A 89 -7.27 -18.05 10.38
CA SER A 89 -7.99 -19.10 11.06
C SER A 89 -8.61 -18.63 12.39
N GLY A 90 -8.60 -17.32 12.62
CA GLY A 90 -9.13 -16.75 13.85
C GLY A 90 -8.09 -16.25 14.83
N TYR A 91 -6.81 -16.38 14.48
CA TYR A 91 -5.73 -15.85 15.31
C TYR A 91 -5.77 -16.38 16.75
N GLY A 92 -6.28 -17.61 16.91
CA GLY A 92 -6.40 -18.23 18.21
C GLY A 92 -7.41 -17.61 19.14
N LEU A 93 -8.28 -16.74 18.63
CA LEU A 93 -9.35 -16.15 19.42
C LEU A 93 -10.57 -17.05 19.46
N SER A 94 -11.37 -16.89 20.52
CA SER A 94 -12.67 -17.55 20.57
C SER A 94 -13.49 -16.87 19.50
N PRO A 95 -14.46 -17.59 18.93
CA PRO A 95 -15.34 -16.99 17.93
C PRO A 95 -16.02 -15.69 18.41
N ALA A 96 -16.46 -15.67 19.68
CA ALA A 96 -17.08 -14.45 20.22
C ALA A 96 -16.14 -13.27 20.30
N ASP A 97 -14.89 -13.50 20.75
CA ASP A 97 -13.91 -12.43 20.81
CA ASP A 97 -13.87 -12.47 20.82
C ASP A 97 -13.55 -11.94 19.41
N LEU A 98 -13.37 -12.88 18.47
CA LEU A 98 -13.13 -12.56 17.07
C LEU A 98 -14.20 -11.63 16.50
N ILE A 99 -15.47 -11.96 16.71
CA ILE A 99 -16.55 -11.13 16.21
C ILE A 99 -16.56 -9.77 16.90
N ALA A 100 -16.34 -9.75 18.20
CA ALA A 100 -16.28 -8.50 18.94
C ALA A 100 -15.24 -7.57 18.29
N GLN A 101 -14.10 -8.14 17.93
CA GLN A 101 -12.98 -7.33 17.45
C GLN A 101 -13.19 -6.84 16.05
N ILE A 102 -13.80 -7.67 15.20
CA ILE A 102 -14.00 -7.22 13.84
C ILE A 102 -15.10 -6.16 13.81
N LEU A 103 -16.11 -6.30 14.66
CA LEU A 103 -17.11 -5.23 14.76
C LEU A 103 -16.55 -3.90 15.26
N GLU A 104 -15.72 -3.94 16.30
CA GLU A 104 -15.05 -2.75 16.81
C GLU A 104 -14.22 -2.07 15.73
N ALA A 105 -13.62 -2.84 14.83
CA ALA A 105 -12.88 -2.28 13.68
C ALA A 105 -13.78 -1.81 12.52
N GLY A 106 -15.09 -2.02 12.62
CA GLY A 106 -16.06 -1.54 11.65
C GLY A 106 -16.39 -2.44 10.47
N ALA A 107 -15.91 -3.69 10.53
CA ALA A 107 -16.13 -4.68 9.46
C ALA A 107 -17.48 -5.34 9.66
N VAL A 108 -18.06 -5.84 8.57
CA VAL A 108 -19.35 -6.54 8.63
C VAL A 108 -19.30 -7.89 7.91
N GLY A 109 -18.10 -8.41 7.72
CA GLY A 109 -17.91 -9.76 7.23
C GLY A 109 -16.53 -10.24 7.59
N ILE A 110 -16.37 -11.55 7.62
CA ILE A 110 -15.08 -12.17 7.90
C ILE A 110 -14.92 -13.42 7.02
N ASN A 111 -13.68 -13.79 6.71
CA ASN A 111 -13.37 -15.13 6.25
C ASN A 111 -12.64 -15.85 7.38
N VAL A 112 -13.00 -17.11 7.63
CA VAL A 112 -12.30 -17.94 8.57
C VAL A 112 -11.97 -19.30 7.93
N GLU A 113 -10.70 -19.70 7.96
CA GLU A 113 -10.25 -20.93 7.29
C GLU A 113 -9.96 -22.05 8.32
N ASP A 114 -9.74 -23.26 7.80
CA ASP A 114 -9.58 -24.43 8.64
C ASP A 114 -8.17 -24.92 8.94
N VAL A 115 -7.16 -24.23 8.42
CA VAL A 115 -5.76 -24.47 8.81
C VAL A 115 -5.41 -23.52 9.94
N VAL A 116 -5.03 -24.09 11.10
CA VAL A 116 -4.92 -23.34 12.33
C VAL A 116 -3.47 -22.99 12.50
N HIS A 117 -3.14 -21.77 12.14
CA HIS A 117 -1.73 -21.37 12.08
C HIS A 117 -1.09 -21.33 13.44
N SER A 118 -1.87 -21.08 14.48
CA SER A 118 -1.32 -21.09 15.85
C SER A 118 -1.12 -22.49 16.45
N GLU A 119 -1.55 -23.54 15.74
CA GLU A 119 -1.40 -24.91 16.17
C GLU A 119 -0.66 -25.73 15.11
N GLY A 120 0.49 -25.18 14.70
CA GLY A 120 1.36 -25.79 13.69
C GLY A 120 0.70 -26.13 12.37
N LYS A 121 -0.29 -25.36 11.99
CA LYS A 121 -1.06 -25.55 10.75
C LYS A 121 -1.87 -26.85 10.73
N ARG A 122 -2.27 -27.28 11.91
CA ARG A 122 -3.21 -28.38 12.05
C ARG A 122 -4.47 -28.05 11.26
N VAL A 123 -5.01 -29.03 10.55
CA VAL A 123 -6.28 -28.82 9.85
C VAL A 123 -7.44 -29.20 10.78
N ARG A 124 -8.37 -28.28 11.05
CA ARG A 124 -9.50 -28.62 11.91
C ARG A 124 -10.28 -29.79 11.33
N GLU A 125 -10.87 -30.57 12.20
CA GLU A 125 -11.82 -31.58 11.75
C GLU A 125 -13.02 -30.85 11.15
N ALA A 126 -13.73 -31.56 10.29
CA ALA A 126 -14.80 -30.90 9.50
C ALA A 126 -15.89 -30.30 10.42
N GLN A 127 -16.42 -31.06 11.37
CA GLN A 127 -17.42 -30.52 12.32
C GLN A 127 -16.80 -29.50 13.31
N GLU A 128 -15.56 -29.70 13.69
CA GLU A 128 -14.86 -28.76 14.56
C GLU A 128 -14.84 -27.38 13.91
N HIS A 129 -14.54 -27.34 12.61
CA HIS A 129 -14.51 -26.08 11.89
C HIS A 129 -15.91 -25.45 11.75
N ALA A 130 -16.90 -26.28 11.41
CA ALA A 130 -18.29 -25.86 11.34
C ALA A 130 -18.75 -25.29 12.68
N ASP A 131 -18.32 -25.91 13.78
CA ASP A 131 -18.67 -25.47 15.14
C ASP A 131 -18.09 -24.10 15.45
N TYR A 132 -16.89 -23.84 14.96
CA TYR A 132 -16.27 -22.54 15.11
C TYR A 132 -17.11 -21.50 14.36
N ILE A 133 -17.49 -21.80 13.13
CA ILE A 133 -18.36 -20.93 12.34
C ILE A 133 -19.71 -20.72 13.04
N ALA A 134 -20.32 -21.78 13.55
CA ALA A 134 -21.58 -21.65 14.27
C ALA A 134 -21.49 -20.74 15.50
N ALA A 135 -20.40 -20.86 16.23
CA ALA A 135 -20.19 -20.05 17.45
C ALA A 135 -19.97 -18.58 17.05
N ALA A 136 -19.34 -18.35 15.90
CA ALA A 136 -19.19 -16.98 15.39
C ALA A 136 -20.54 -16.39 14.96
N ARG A 137 -21.39 -17.21 14.32
CA ARG A 137 -22.73 -16.77 13.92
C ARG A 137 -23.54 -16.46 15.15
N GLN A 138 -23.42 -17.30 16.17
CA GLN A 138 -24.18 -17.08 17.42
C GLN A 138 -23.77 -15.73 18.05
N ALA A 139 -22.47 -15.48 18.09
CA ALA A 139 -21.96 -14.23 18.61
C ALA A 139 -22.46 -13.01 17.80
N ALA A 140 -22.47 -13.10 16.47
CA ALA A 140 -23.02 -12.04 15.62
C ALA A 140 -24.49 -11.84 15.93
N ASP A 141 -25.21 -12.94 16.06
CA ASP A 141 -26.63 -12.89 16.37
C ASP A 141 -26.86 -12.19 17.73
N VAL A 142 -26.08 -12.54 18.74
CA VAL A 142 -26.19 -11.88 20.06
C VAL A 142 -25.89 -10.37 19.96
N ALA A 143 -24.98 -10.00 19.08
CA ALA A 143 -24.55 -8.61 18.90
C ALA A 143 -25.61 -7.84 18.10
N GLY A 144 -26.49 -8.57 17.44
CA GLY A 144 -27.57 -8.01 16.66
C GLY A 144 -27.11 -7.51 15.31
N VAL A 145 -26.04 -8.11 14.76
CA VAL A 145 -25.48 -7.63 13.48
C VAL A 145 -25.47 -8.77 12.46
N ASP A 146 -25.88 -8.51 11.21
CA ASP A 146 -25.97 -9.51 10.15
C ASP A 146 -24.60 -9.75 9.49
N VAL A 147 -23.59 -10.01 10.31
CA VAL A 147 -22.21 -10.21 9.82
C VAL A 147 -22.24 -11.30 8.75
N VAL A 148 -21.59 -11.08 7.61
CA VAL A 148 -21.45 -12.12 6.57
C VAL A 148 -20.21 -12.94 6.85
N ILE A 149 -20.45 -14.09 7.47
CA ILE A 149 -19.39 -15.02 7.77
C ILE A 149 -19.20 -15.88 6.54
N ASN A 150 -18.01 -15.74 5.92
CA ASN A 150 -17.65 -16.47 4.73
C ASN A 150 -16.77 -17.62 5.17
N GLY A 151 -17.35 -18.82 5.26
CA GLY A 151 -16.58 -19.98 5.79
C GLY A 151 -15.65 -20.52 4.71
N ARG A 152 -14.37 -20.44 4.96
CA ARG A 152 -13.36 -20.92 4.03
C ARG A 152 -12.91 -22.34 4.40
N THR A 153 -12.75 -23.15 3.37
CA THR A 153 -12.02 -24.42 3.51
C THR A 153 -10.86 -24.48 2.54
N ASP A 154 -9.72 -24.93 3.05
CA ASP A 154 -8.51 -25.15 2.25
C ASP A 154 -8.41 -26.56 1.67
N ALA A 155 -9.47 -27.36 1.78
CA ALA A 155 -9.41 -28.75 1.35
C ALA A 155 -8.83 -29.00 -0.05
N VAL A 156 -9.25 -28.23 -1.04
CA VAL A 156 -8.82 -28.50 -2.43
C VAL A 156 -7.37 -28.12 -2.62
N LYS A 157 -7.01 -27.02 -1.96
CA LYS A 157 -5.65 -26.53 -1.97
C LYS A 157 -4.71 -27.46 -1.24
N LEU A 158 -5.15 -28.05 -0.13
CA LEU A 158 -4.38 -29.04 0.59
C LEU A 158 -4.20 -30.29 -0.25
N GLY A 159 -5.26 -30.66 -0.98
CA GLY A 159 -5.25 -31.72 -1.95
C GLY A 159 -5.09 -33.13 -1.43
N ALA A 160 -4.73 -34.00 -2.36
CA ALA A 160 -4.87 -35.42 -2.15
C ALA A 160 -3.87 -35.95 -1.12
N ASP A 161 -2.80 -35.22 -0.86
CA ASP A 161 -1.89 -35.64 0.22
C ASP A 161 -2.51 -35.57 1.60
N VAL A 162 -3.54 -34.75 1.76
CA VAL A 162 -4.23 -34.59 3.04
C VAL A 162 -5.59 -35.28 3.06
N PHE A 163 -6.37 -35.08 2.01
CA PHE A 163 -7.70 -35.66 1.87
C PHE A 163 -7.71 -36.43 0.56
N GLU A 164 -7.69 -37.73 0.64
CA GLU A 164 -7.62 -38.58 -0.54
C GLU A 164 -8.52 -38.20 -1.73
N ASP A 165 -9.80 -37.87 -1.47
CA ASP A 165 -10.65 -37.12 -2.43
C ASP A 165 -10.96 -35.71 -1.87
N PRO A 166 -10.18 -34.71 -2.28
CA PRO A 166 -10.38 -33.39 -1.73
C PRO A 166 -11.66 -32.69 -2.14
N VAL A 168 -14.74 -34.27 -2.46
CA VAL A 168 -15.71 -34.82 -1.51
C VAL A 168 -15.55 -34.08 -0.18
N GLU A 169 -14.32 -33.88 0.26
CA GLU A 169 -14.10 -33.21 1.53
C GLU A 169 -14.56 -31.77 1.48
N ALA A 170 -14.27 -31.08 0.39
CA ALA A 170 -14.62 -29.68 0.22
C ALA A 170 -16.13 -29.49 0.19
N ILE A 171 -16.81 -30.37 -0.52
CA ILE A 171 -18.27 -30.30 -0.63
C ILE A 171 -18.90 -30.53 0.76
N LYS A 172 -18.46 -31.57 1.44
CA LYS A 172 -18.86 -31.84 2.82
C LYS A 172 -18.68 -30.57 3.67
N ARG A 173 -17.47 -30.01 3.64
CA ARG A 173 -17.16 -28.89 4.49
C ARG A 173 -17.98 -27.67 4.17
N ILE A 174 -18.21 -27.34 2.89
CA ILE A 174 -19.03 -26.16 2.60
C ILE A 174 -20.49 -26.37 3.01
N LYS A 175 -20.98 -27.60 2.91
CA LYS A 175 -22.35 -27.88 3.37
C LYS A 175 -22.48 -27.74 4.88
N LEU A 176 -21.51 -28.23 5.63
CA LEU A 176 -21.49 -28.10 7.08
C LEU A 176 -21.40 -26.63 7.51
N GLU A 178 -22.39 -23.95 5.72
CA GLU A 178 -23.73 -23.37 5.49
C GLU A 178 -24.72 -23.72 6.58
N GLN A 179 -24.77 -24.99 6.98
CA GLN A 179 -25.61 -25.41 8.08
C GLN A 179 -25.28 -24.65 9.33
N ALA A 180 -23.99 -24.36 9.58
CA ALA A 180 -23.55 -23.66 10.77
C ALA A 180 -23.88 -22.15 10.75
N GLY A 181 -24.35 -21.61 9.63
CA GLY A 181 -24.75 -20.22 9.55
C GLY A 181 -23.82 -19.31 8.77
N ALA A 182 -22.90 -19.89 8.02
CA ALA A 182 -22.11 -19.09 7.07
C ALA A 182 -23.05 -18.50 6.01
N ARG A 183 -22.90 -17.20 5.71
CA ARG A 183 -23.67 -16.55 4.66
C ARG A 183 -22.99 -16.61 3.29
N SER A 184 -21.74 -17.08 3.29
CA SER A 184 -21.01 -17.37 2.06
C SER A 184 -20.05 -18.48 2.38
N VAL A 185 -19.59 -19.20 1.34
CA VAL A 185 -18.53 -20.20 1.50
C VAL A 185 -17.45 -20.01 0.44
N TYR A 186 -16.25 -20.46 0.79
CA TYR A 186 -15.02 -20.14 0.05
C TYR A 186 -14.08 -21.34 0.01
N PRO A 187 -14.32 -22.27 -0.92
CA PRO A 187 -13.41 -23.41 -1.10
C PRO A 187 -12.27 -22.98 -2.00
N VAL A 188 -11.15 -22.55 -1.39
CA VAL A 188 -10.07 -21.99 -2.15
C VAL A 188 -9.33 -23.06 -2.98
N GLY A 189 -8.62 -22.61 -4.00
CA GLY A 189 -7.74 -23.51 -4.73
C GLY A 189 -8.29 -24.11 -5.99
N LEU A 190 -9.45 -23.66 -6.42
CA LEU A 190 -10.15 -24.23 -7.58
C LEU A 190 -9.52 -23.77 -8.89
N SER A 191 -9.58 -24.63 -9.89
CA SER A 191 -8.94 -24.38 -11.19
C SER A 191 -9.75 -24.84 -12.37
N THR A 192 -10.84 -25.59 -12.16
CA THR A 192 -11.64 -26.13 -13.26
C THR A 192 -13.11 -25.82 -13.12
N ALA A 193 -13.80 -25.78 -14.25
CA ALA A 193 -15.25 -25.58 -14.27
C ALA A 193 -16.01 -26.71 -13.58
N GLU A 194 -15.51 -27.93 -13.65
CA GLU A 194 -16.14 -29.05 -13.00
CA GLU A 194 -16.21 -29.03 -12.97
C GLU A 194 -16.17 -28.83 -11.49
N GLN A 195 -15.03 -28.38 -10.95
CA GLN A 195 -14.98 -28.15 -9.53
C GLN A 195 -15.95 -27.03 -9.13
N VAL A 196 -15.88 -25.90 -9.84
CA VAL A 196 -16.69 -24.73 -9.52
C VAL A 196 -18.19 -25.05 -9.56
N GLU A 197 -18.62 -25.75 -10.60
CA GLU A 197 -20.04 -26.09 -10.73
C GLU A 197 -20.57 -26.98 -9.61
N ARG A 198 -19.78 -27.98 -9.22
CA ARG A 198 -20.24 -28.93 -8.23
C ARG A 198 -20.28 -28.30 -6.84
N LEU A 199 -19.33 -27.39 -6.54
CA LEU A 199 -19.40 -26.65 -5.29
C LEU A 199 -20.55 -25.65 -5.27
N VAL A 200 -20.72 -24.92 -6.36
CA VAL A 200 -21.89 -24.02 -6.48
C VAL A 200 -23.16 -24.77 -6.19
N ASP A 201 -23.30 -25.94 -6.80
CA ASP A 201 -24.56 -26.69 -6.67
C ASP A 201 -24.80 -27.31 -5.33
N ALA A 202 -23.79 -27.32 -4.49
CA ALA A 202 -23.84 -28.05 -3.21
C ALA A 202 -24.53 -27.26 -2.14
N VAL A 203 -24.62 -25.93 -2.31
CA VAL A 203 -25.09 -25.03 -1.27
C VAL A 203 -26.00 -23.98 -1.88
N SER A 204 -26.84 -23.35 -1.05
CA SER A 204 -27.73 -22.29 -1.51
CA SER A 204 -27.73 -22.29 -1.50
C SER A 204 -27.19 -20.87 -1.27
N VAL A 205 -26.11 -20.75 -0.52
CA VAL A 205 -25.42 -19.48 -0.29
C VAL A 205 -24.41 -19.28 -1.44
N PRO A 206 -23.91 -18.05 -1.60
CA PRO A 206 -22.83 -17.85 -2.57
C PRO A 206 -21.60 -18.72 -2.31
N VAL A 207 -21.01 -19.17 -3.41
CA VAL A 207 -19.67 -19.71 -3.46
C VAL A 207 -18.73 -18.63 -4.01
N ASN A 208 -17.66 -18.39 -3.25
CA ASN A 208 -16.57 -17.43 -3.55
C ASN A 208 -15.45 -18.11 -4.34
N ILE A 209 -15.08 -17.51 -5.49
CA ILE A 209 -13.88 -17.88 -6.22
C ILE A 209 -12.92 -16.69 -6.18
N THR A 210 -11.63 -17.01 -6.31
CA THR A 210 -10.55 -16.02 -6.39
C THR A 210 -10.14 -15.81 -7.84
N ALA A 211 -10.23 -14.56 -8.29
CA ALA A 211 -9.88 -14.22 -9.66
C ALA A 211 -8.71 -13.25 -9.70
N HIS A 212 -7.97 -13.32 -10.80
CA HIS A 212 -6.92 -12.36 -11.12
C HIS A 212 -7.64 -11.25 -11.93
N PRO A 213 -7.36 -9.97 -11.61
CA PRO A 213 -8.13 -8.89 -12.22
C PRO A 213 -7.96 -8.78 -13.73
N VAL A 214 -6.87 -9.34 -14.27
CA VAL A 214 -6.74 -9.46 -15.72
C VAL A 214 -7.06 -10.86 -16.22
N ASP A 215 -6.47 -11.86 -15.58
CA ASP A 215 -6.47 -13.20 -16.13
C ASP A 215 -7.66 -14.06 -15.74
N GLY A 216 -8.53 -13.56 -14.87
CA GLY A 216 -9.73 -14.31 -14.49
C GLY A 216 -9.43 -15.51 -13.61
N HIS A 217 -10.14 -16.61 -13.84
CA HIS A 217 -10.01 -17.85 -13.05
C HIS A 217 -9.62 -19.01 -13.98
N GLY A 218 -9.08 -20.09 -13.45
CA GLY A 218 -8.87 -21.30 -14.24
C GLY A 218 -10.09 -21.79 -14.95
N ALA A 219 -11.26 -21.64 -14.33
CA ALA A 219 -12.53 -22.11 -14.93
C ALA A 219 -13.05 -21.19 -16.02
N GLY A 220 -12.48 -19.98 -16.15
CA GLY A 220 -12.94 -19.02 -17.13
C GLY A 220 -12.99 -17.57 -16.67
N ASP A 221 -13.47 -16.74 -17.59
CA ASP A 221 -13.69 -15.33 -17.28
C ASP A 221 -15.03 -15.09 -16.57
N LEU A 222 -15.31 -13.83 -16.28
CA LEU A 222 -16.44 -13.49 -15.43
C LEU A 222 -17.74 -14.07 -15.96
N ALA A 223 -17.97 -13.92 -17.26
CA ALA A 223 -19.21 -14.39 -17.88
C ALA A 223 -19.31 -15.89 -17.71
N THR A 224 -18.20 -16.58 -17.86
CA THR A 224 -18.27 -18.04 -17.73
C THR A 224 -18.57 -18.46 -16.29
N LEU A 225 -17.90 -17.80 -15.35
CA LEU A 225 -18.10 -18.05 -13.90
C LEU A 225 -19.55 -17.82 -13.52
N ALA A 226 -20.11 -16.72 -14.04
CA ALA A 226 -21.53 -16.37 -13.81
C ALA A 226 -22.46 -17.45 -14.32
N GLY A 227 -22.17 -17.96 -15.50
CA GLY A 227 -22.95 -19.03 -16.05
C GLY A 227 -22.84 -20.32 -15.26
N LEU A 228 -21.73 -20.52 -14.55
CA LEU A 228 -21.61 -21.68 -13.66
C LEU A 228 -22.31 -21.46 -12.32
N GLY A 229 -22.80 -20.24 -12.09
CA GLY A 229 -23.55 -19.95 -10.89
C GLY A 229 -22.78 -19.33 -9.74
N VAL A 230 -21.54 -18.92 -10.00
CA VAL A 230 -20.69 -18.30 -8.98
C VAL A 230 -21.36 -16.98 -8.55
N ARG A 231 -21.42 -16.72 -7.25
CA ARG A 231 -22.09 -15.49 -6.77
C ARG A 231 -21.15 -14.58 -6.00
N ARG A 232 -19.92 -15.01 -5.71
CA ARG A 232 -18.97 -14.10 -5.09
C ARG A 232 -17.60 -14.22 -5.72
N VAL A 233 -17.04 -13.06 -6.08
CA VAL A 233 -15.73 -13.02 -6.71
C VAL A 233 -14.87 -12.03 -5.93
N THR A 234 -13.71 -12.49 -5.51
CA THR A 234 -12.71 -11.65 -4.82
C THR A 234 -11.38 -11.85 -5.51
N PHE A 235 -10.37 -11.06 -5.13
CA PHE A 235 -9.04 -11.10 -5.80
C PHE A 235 -7.96 -11.74 -4.95
N GLY A 236 -8.24 -11.92 -3.66
CA GLY A 236 -7.19 -12.42 -2.76
C GLY A 236 -5.96 -11.56 -2.90
N PRO A 237 -4.77 -12.19 -2.98
CA PRO A 237 -3.56 -11.39 -3.16
C PRO A 237 -3.32 -10.92 -4.60
N LEU A 238 -4.22 -11.27 -5.53
CA LEU A 238 -3.92 -11.15 -6.96
C LEU A 238 -3.99 -9.74 -7.57
N TRP A 239 -4.73 -8.83 -6.96
CA TRP A 239 -4.73 -7.42 -7.45
C TRP A 239 -3.38 -6.84 -7.08
N GLN A 240 -2.98 -6.97 -5.82
CA GLN A 240 -1.63 -6.53 -5.45
C GLN A 240 -0.52 -7.19 -6.31
N LYS A 241 -0.63 -8.51 -6.55
CA LYS A 241 0.39 -9.21 -7.31
CA LYS A 241 0.38 -9.24 -7.31
C LYS A 241 0.45 -8.71 -8.74
N TRP A 242 -0.70 -8.40 -9.31
CA TRP A 242 -0.74 -7.85 -10.68
C TRP A 242 -0.09 -6.47 -10.72
N LEU A 243 -0.40 -5.61 -9.75
CA LEU A 243 0.25 -4.31 -9.69
C LEU A 243 1.76 -4.47 -9.54
N ALA A 244 2.17 -5.47 -8.79
CA ALA A 244 3.60 -5.76 -8.61
C ALA A 244 4.26 -6.12 -9.94
N ALA A 245 3.64 -7.01 -10.69
CA ALA A 245 4.16 -7.43 -12.01
C ALA A 245 4.23 -6.27 -12.97
N THR A 246 3.15 -5.51 -13.02
CA THR A 246 3.05 -4.30 -13.84
C THR A 246 4.17 -3.31 -13.46
N SER A 247 4.31 -3.05 -12.18
CA SER A 247 5.41 -2.22 -11.67
C SER A 247 6.78 -2.74 -12.03
N ALA A 248 7.01 -4.03 -11.82
CA ALA A 248 8.30 -4.63 -12.09
C ALA A 248 8.70 -4.47 -13.57
N GLN A 249 7.73 -4.64 -14.44
CA GLN A 249 7.96 -4.43 -15.85
C GLN A 249 8.33 -2.99 -16.19
N GLN A 250 7.59 -2.04 -15.64
CA GLN A 250 7.83 -0.64 -15.97
C GLN A 250 9.11 -0.11 -15.37
N LEU A 251 9.44 -0.62 -14.18
CA LEU A 251 10.68 -0.25 -13.53
C LEU A 251 11.91 -0.63 -14.36
N LYS A 252 11.81 -1.67 -15.20
CA LYS A 252 12.92 -2.00 -16.09
C LYS A 252 13.32 -0.86 -16.98
N GLY A 253 12.36 0.00 -17.37
CA GLY A 253 12.77 1.12 -18.22
C GLY A 253 13.68 2.14 -17.59
N TRP A 254 13.70 2.18 -16.24
CA TRP A 254 14.46 3.13 -15.44
C TRP A 254 15.75 2.53 -14.88
N ALA A 255 15.89 1.24 -15.07
CA ALA A 255 17.01 0.50 -14.50
C ALA A 255 18.12 0.41 -15.53
N GLY B 1 29.98 -4.84 14.58
CA GLY B 1 30.69 -4.19 13.43
C GLY B 1 30.03 -2.87 13.13
N SER B 3 27.67 0.08 11.95
CA SER B 3 26.24 0.18 11.82
C SER B 3 25.96 0.09 10.32
N ASP B 4 24.91 -0.66 10.01
CA ASP B 4 24.32 -0.66 8.70
C ASP B 4 23.98 0.75 8.30
N LEU B 5 23.50 1.53 9.26
CA LEU B 5 23.10 2.90 9.02
C LEU B 5 24.23 3.70 8.39
N LYS B 6 25.41 3.71 9.02
CA LYS B 6 26.50 4.50 8.53
C LYS B 6 26.95 3.95 7.15
N SER B 7 26.96 2.63 6.98
CA SER B 7 27.33 2.04 5.68
C SER B 7 26.40 2.45 4.54
N LEU B 8 25.11 2.40 4.79
CA LEU B 8 24.12 2.80 3.82
C LEU B 8 24.27 4.26 3.46
N ALA B 9 24.50 5.10 4.49
CA ALA B 9 24.63 6.54 4.26
C ALA B 9 25.85 6.83 3.41
N THR B 10 26.98 6.20 3.73
CA THR B 10 28.19 6.38 2.95
C THR B 10 28.02 5.99 1.48
N LYS B 11 27.36 4.87 1.27
CA LYS B 11 27.05 4.42 -0.10
C LYS B 11 26.18 5.43 -0.87
N PHE B 12 25.08 5.87 -0.22
CA PHE B 12 24.14 6.81 -0.77
C PHE B 12 24.82 8.13 -1.11
N ALA B 13 25.63 8.62 -0.19
CA ALA B 13 26.35 9.87 -0.41
C ALA B 13 27.38 9.73 -1.54
N SER B 14 28.11 8.62 -1.56
CA SER B 14 29.06 8.34 -2.63
C SER B 14 28.39 8.27 -4.00
N ASP B 15 27.26 7.59 -4.06
CA ASP B 15 26.49 7.51 -5.29
C ASP B 15 26.06 8.91 -5.78
N HIS B 16 25.63 9.75 -4.84
CA HIS B 16 25.29 11.12 -5.22
C HIS B 16 26.48 11.91 -5.78
N GLU B 17 27.66 11.71 -5.22
CA GLU B 17 28.87 12.36 -5.72
C GLU B 17 29.45 11.80 -7.02
N SER B 18 29.00 10.63 -7.44
CA SER B 18 29.62 9.89 -8.51
C SER B 18 29.49 10.57 -9.86
N GLY B 19 28.45 11.35 -10.04
CA GLY B 19 28.12 11.93 -11.34
C GLY B 19 27.11 11.13 -12.14
N LYS B 20 26.83 9.92 -11.70
CA LYS B 20 25.80 9.09 -12.34
C LYS B 20 24.42 9.65 -12.13
N LEU B 21 23.51 9.38 -13.08
CA LEU B 21 22.11 9.70 -12.88
C LEU B 21 21.52 8.61 -11.97
N LEU B 22 21.03 9.02 -10.81
CA LEU B 22 20.47 8.09 -9.83
C LEU B 22 18.96 8.07 -9.93
N VAL B 23 18.39 6.92 -10.20
CA VAL B 23 16.93 6.81 -10.15
C VAL B 23 16.57 6.20 -8.80
N LEU B 24 15.71 6.87 -8.06
CA LEU B 24 15.40 6.48 -6.67
C LEU B 24 13.86 6.44 -6.59
N PRO B 25 13.26 5.32 -7.05
CA PRO B 25 11.81 5.27 -7.14
C PRO B 25 11.13 5.54 -5.81
N THR B 26 9.96 6.19 -5.89
CA THR B 26 9.27 6.68 -4.68
C THR B 26 8.14 5.78 -4.22
N VAL B 27 8.37 5.20 -3.05
CA VAL B 27 7.53 4.17 -2.44
C VAL B 27 6.65 4.71 -1.31
N TRP B 28 5.75 3.86 -0.83
CA TRP B 28 4.83 4.25 0.23
C TRP B 28 4.53 3.18 1.27
N ASP B 29 5.21 2.03 1.17
CA ASP B 29 4.99 0.88 2.08
C ASP B 29 6.06 -0.18 1.84
N THR B 30 6.02 -1.26 2.61
CA THR B 30 7.08 -2.27 2.52
C THR B 30 6.97 -3.07 1.24
N TRP B 31 5.78 -3.08 0.65
CA TRP B 31 5.48 -3.86 -0.55
C TRP B 31 6.14 -3.18 -1.77
N SER B 32 5.79 -1.91 -1.97
CA SER B 32 6.44 -1.08 -2.96
C SER B 32 7.97 -0.96 -2.76
N ALA B 33 8.44 -0.89 -1.52
CA ALA B 33 9.86 -0.84 -1.24
C ALA B 33 10.55 -2.10 -1.74
N GLY B 34 9.94 -3.25 -1.47
CA GLY B 34 10.49 -4.55 -1.88
C GLY B 34 10.65 -4.65 -3.38
N LEU B 35 9.69 -4.08 -4.11
CA LEU B 35 9.70 -4.08 -5.55
C LEU B 35 10.89 -3.29 -6.09
N VAL B 36 11.22 -2.20 -5.41
CA VAL B 36 12.34 -1.36 -5.86
C VAL B 36 13.70 -2.12 -5.69
N GLU B 37 13.87 -2.76 -4.53
CA GLU B 37 15.07 -3.52 -4.25
C GLU B 37 15.17 -4.70 -5.25
N GLU B 38 14.05 -5.40 -5.48
CA GLU B 38 14.07 -6.55 -6.38
CA GLU B 38 13.95 -6.53 -6.41
C GLU B 38 14.41 -6.13 -7.81
N ALA B 39 14.07 -4.91 -8.17
CA ALA B 39 14.29 -4.38 -9.53
C ALA B 39 15.72 -3.88 -9.73
N GLY B 40 16.51 -3.89 -8.67
CA GLY B 40 17.94 -3.59 -8.79
C GLY B 40 18.41 -2.17 -8.53
N PHE B 41 17.51 -1.30 -8.05
CA PHE B 41 17.87 0.06 -7.80
C PHE B 41 18.82 0.15 -6.62
N SER B 42 19.61 1.23 -6.59
CA SER B 42 20.64 1.41 -5.57
C SER B 42 20.19 2.18 -4.35
N GLY B 43 18.94 2.61 -4.37
CA GLY B 43 18.33 3.33 -3.28
C GLY B 43 16.91 3.67 -3.62
N LEU B 44 16.20 4.24 -2.68
CA LEU B 44 14.79 4.59 -2.91
C LEU B 44 14.39 5.77 -2.08
N THR B 45 13.24 6.35 -2.43
CA THR B 45 12.70 7.49 -1.72
C THR B 45 11.34 7.10 -1.22
N ILE B 46 10.92 7.75 -0.13
CA ILE B 46 9.58 7.57 0.44
C ILE B 46 8.83 8.85 0.25
N GLY B 47 7.64 8.76 -0.35
CA GLY B 47 6.84 9.92 -0.68
C GLY B 47 5.82 10.21 0.40
N SER B 48 5.77 11.47 0.84
CA SER B 48 4.81 11.81 1.91
C SER B 48 3.35 11.73 1.43
N HIS B 49 3.06 12.18 0.24
CA HIS B 49 1.69 12.11 -0.34
C HIS B 49 1.21 10.67 -0.48
N PRO B 50 2.00 9.81 -1.15
CA PRO B 50 1.50 8.44 -1.24
C PRO B 50 1.43 7.65 0.09
N VAL B 51 2.32 7.91 1.04
CA VAL B 51 2.17 7.30 2.36
C VAL B 51 0.88 7.79 3.02
N ALA B 52 0.67 9.11 2.99
CA ALA B 52 -0.52 9.65 3.62
C ALA B 52 -1.80 9.09 3.01
N ASP B 53 -1.85 9.00 1.69
CA ASP B 53 -3.04 8.45 1.07
C ASP B 53 -3.33 6.97 1.38
N ALA B 54 -2.26 6.24 1.67
CA ALA B 54 -2.33 4.81 1.97
C ALA B 54 -2.53 4.53 3.46
N THR B 55 -2.49 5.56 4.30
CA THR B 55 -2.59 5.37 5.76
C THR B 55 -3.69 6.25 6.35
N GLY B 56 -4.67 6.63 5.53
CA GLY B 56 -5.84 7.30 6.04
C GLY B 56 -5.68 8.78 6.30
N SER B 57 -4.65 9.40 5.71
CA SER B 57 -4.37 10.82 5.96
C SER B 57 -4.30 11.58 4.61
N SER B 58 -3.61 12.70 4.62
CA SER B 58 -3.41 13.49 3.42
C SER B 58 -2.09 14.26 3.52
N ASP B 59 -1.57 14.70 2.36
CA ASP B 59 -0.31 15.44 2.29
C ASP B 59 -0.40 16.78 3.05
N GLY B 60 0.74 17.47 3.20
CA GLY B 60 0.78 18.78 3.86
C GLY B 60 0.89 18.73 5.38
N GLU B 61 1.63 17.75 5.89
CA GLU B 61 1.86 17.55 7.33
C GLU B 61 0.59 17.32 8.10
N ASN B 62 -0.36 16.67 7.44
CA ASN B 62 -1.55 16.19 8.12
C ASN B 62 -1.29 14.88 8.89
N ASN B 64 0.51 12.38 11.49
CA ASN B 64 1.27 12.46 12.75
C ASN B 64 2.70 12.05 12.41
N PHE B 65 3.71 12.83 12.82
CA PHE B 65 5.07 12.55 12.45
C PHE B 65 5.52 11.20 13.00
N ALA B 66 5.07 10.87 14.20
CA ALA B 66 5.45 9.61 14.84
C ALA B 66 4.89 8.44 14.05
N ASP B 67 3.65 8.54 13.62
CA ASP B 67 3.07 7.51 12.75
C ASP B 67 3.83 7.36 11.43
N TYR B 68 4.24 8.48 10.84
CA TYR B 68 4.96 8.47 9.60
C TYR B 68 6.32 7.79 9.81
N ALA B 70 7.00 5.55 11.93
CA ALA B 70 6.74 4.11 12.08
C ALA B 70 6.68 3.37 10.71
N VAL B 71 6.10 4.01 9.71
CA VAL B 71 6.09 3.52 8.34
C VAL B 71 7.53 3.50 7.80
N VAL B 72 8.27 4.58 7.98
CA VAL B 72 9.68 4.63 7.55
C VAL B 72 10.46 3.49 8.14
N LYS B 73 10.31 3.24 9.44
CA LYS B 73 11.05 2.18 10.10
C LYS B 73 10.78 0.79 9.51
N LYS B 74 9.53 0.53 9.15
CA LYS B 74 9.18 -0.72 8.48
C LYS B 74 9.87 -0.81 7.12
N ILE B 75 9.86 0.28 6.37
CA ILE B 75 10.49 0.33 5.04
C ILE B 75 11.99 0.08 5.15
N THR B 76 12.64 0.76 6.08
CA THR B 76 14.07 0.61 6.17
C THR B 76 14.45 -0.78 6.67
N SER B 77 13.61 -1.40 7.50
CA SER B 77 13.78 -2.79 7.92
C SER B 77 13.54 -3.76 6.80
N ALA B 78 12.71 -3.40 5.84
CA ALA B 78 12.31 -4.32 4.81
C ALA B 78 13.33 -4.43 3.66
N VAL B 79 14.19 -3.43 3.51
CA VAL B 79 15.14 -3.43 2.39
C VAL B 79 16.58 -3.27 2.89
N SER B 80 17.55 -3.61 2.06
CA SER B 80 18.95 -3.48 2.38
CA SER B 80 18.95 -3.45 2.42
C SER B 80 19.65 -2.42 1.53
N ILE B 81 18.88 -1.53 0.95
CA ILE B 81 19.43 -0.41 0.15
C ILE B 81 19.08 0.88 0.88
N PRO B 82 19.84 1.96 0.64
CA PRO B 82 19.53 3.23 1.31
C PRO B 82 18.16 3.81 0.99
N VAL B 83 17.57 4.37 2.03
CA VAL B 83 16.24 4.96 1.99
C VAL B 83 16.30 6.47 2.39
N SER B 84 15.71 7.31 1.55
CA SER B 84 15.48 8.71 1.85
C SER B 84 13.99 8.99 2.04
N VAL B 85 13.66 9.87 2.97
CA VAL B 85 12.27 10.19 3.33
C VAL B 85 11.96 11.68 3.16
N ASP B 86 10.88 11.95 2.45
CA ASP B 86 10.38 13.30 2.32
C ASP B 86 9.70 13.71 3.63
N VAL B 87 10.32 14.66 4.33
CA VAL B 87 9.77 15.15 5.61
C VAL B 87 9.09 16.53 5.43
N GLU B 88 8.65 16.80 4.21
CA GLU B 88 7.88 18.01 3.95
C GLU B 88 8.68 19.24 4.38
N SER B 89 8.19 20.10 5.27
CA SER B 89 8.97 21.26 5.70
C SER B 89 9.69 21.01 7.04
N GLY B 90 9.62 19.79 7.56
CA GLY B 90 10.23 19.46 8.84
C GLY B 90 9.28 19.25 10.00
N TYR B 91 7.99 19.39 9.75
CA TYR B 91 6.95 19.05 10.74
C TYR B 91 7.07 19.89 12.00
N GLY B 92 7.56 21.11 11.86
CA GLY B 92 7.72 21.99 13.01
C GLY B 92 8.84 21.59 13.94
N LEU B 93 9.69 20.65 13.53
CA LEU B 93 10.78 20.18 14.40
C LEU B 93 12.05 21.01 14.18
N SER B 94 12.92 21.07 15.19
CA SER B 94 14.21 21.66 14.98
C SER B 94 14.99 20.75 14.03
N PRO B 95 15.92 21.32 13.27
CA PRO B 95 16.75 20.49 12.39
C PRO B 95 17.45 19.32 13.13
N ALA B 96 17.90 19.53 14.34
CA ALA B 96 18.61 18.44 15.05
C ALA B 96 17.65 17.32 15.49
N ASP B 97 16.45 17.72 15.90
CA ASP B 97 15.41 16.77 16.30
CA ASP B 97 15.44 16.73 16.30
C ASP B 97 14.96 15.95 15.09
N LEU B 98 14.77 16.63 13.99
CA LEU B 98 14.37 16.03 12.73
C LEU B 98 15.38 14.97 12.30
N ILE B 99 16.68 15.33 12.31
CA ILE B 99 17.73 14.38 11.97
C ILE B 99 17.76 13.22 12.95
N ALA B 100 17.63 13.48 14.26
CA ALA B 100 17.62 12.39 15.23
C ALA B 100 16.51 11.39 14.89
N GLN B 101 15.31 11.90 14.60
CA GLN B 101 14.20 11.00 14.31
C GLN B 101 14.33 10.18 13.03
N ILE B 102 14.80 10.78 11.96
CA ILE B 102 14.93 10.03 10.74
C ILE B 102 16.01 8.97 10.85
N LEU B 103 17.10 9.28 11.55
CA LEU B 103 18.10 8.29 11.83
C LEU B 103 17.58 7.13 12.66
N GLU B 104 16.75 7.44 13.65
CA GLU B 104 16.19 6.41 14.50
C GLU B 104 15.31 5.51 13.68
N ALA B 105 14.67 6.06 12.67
CA ALA B 105 13.82 5.30 11.78
C ALA B 105 14.61 4.56 10.70
N GLY B 106 15.93 4.76 10.65
CA GLY B 106 16.83 4.02 9.79
C GLY B 106 17.08 4.64 8.42
N ALA B 107 16.52 5.84 8.18
CA ALA B 107 16.70 6.58 6.91
C ALA B 107 18.04 7.30 6.85
N VAL B 108 18.55 7.46 5.64
CA VAL B 108 19.90 8.07 5.41
C VAL B 108 19.81 9.26 4.44
N GLY B 109 18.59 9.70 4.21
CA GLY B 109 18.35 10.94 3.47
C GLY B 109 17.02 11.55 3.83
N ILE B 110 16.93 12.87 3.58
CA ILE B 110 15.63 13.58 3.71
C ILE B 110 15.48 14.59 2.61
N ASN B 111 14.21 14.95 2.30
CA ASN B 111 13.87 16.18 1.57
C ASN B 111 13.27 17.16 2.57
N VAL B 112 13.66 18.43 2.49
CA VAL B 112 13.03 19.51 3.27
C VAL B 112 12.71 20.68 2.35
N GLU B 113 11.44 21.07 2.32
CA GLU B 113 10.96 22.15 1.44
C GLU B 113 10.76 23.45 2.20
N ASP B 114 10.62 24.54 1.45
CA ASP B 114 10.53 25.91 1.99
C ASP B 114 9.13 26.50 2.26
N VAL B 115 8.07 25.73 1.96
CA VAL B 115 6.71 26.09 2.36
C VAL B 115 6.40 25.44 3.70
N VAL B 116 6.13 26.25 4.72
CA VAL B 116 6.00 25.75 6.08
C VAL B 116 4.57 25.43 6.44
N HIS B 117 4.22 24.15 6.38
CA HIS B 117 2.81 23.75 6.58
C HIS B 117 2.26 24.03 7.96
N SER B 118 3.10 23.98 8.98
CA SER B 118 2.65 24.26 10.35
C SER B 118 2.53 25.75 10.62
N GLU B 119 2.89 26.59 9.64
CA GLU B 119 2.73 28.05 9.75
C GLU B 119 1.92 28.66 8.59
N GLY B 120 0.79 28.05 8.28
CA GLY B 120 -0.10 28.58 7.26
C GLY B 120 0.49 28.60 5.87
N LYS B 121 1.40 27.68 5.59
CA LYS B 121 2.08 27.61 4.29
C LYS B 121 2.91 28.87 4.00
N ARG B 122 3.42 29.51 5.04
CA ARG B 122 4.40 30.56 4.91
C ARG B 122 5.60 30.08 4.09
N VAL B 123 6.10 30.93 3.21
CA VAL B 123 7.28 30.62 2.41
C VAL B 123 8.48 31.15 3.22
N ARG B 124 9.41 30.28 3.57
CA ARG B 124 10.62 30.71 4.24
C ARG B 124 11.43 31.65 3.37
N GLU B 125 12.12 32.58 4.01
CA GLU B 125 13.08 33.40 3.30
C GLU B 125 14.18 32.43 2.81
N ALA B 126 14.87 32.81 1.74
CA ALA B 126 15.88 31.99 1.10
C ALA B 126 16.98 31.63 2.08
N GLN B 127 17.51 32.60 2.82
CA GLN B 127 18.58 32.30 3.79
C GLN B 127 18.05 31.55 5.02
N GLU B 128 16.83 31.87 5.47
CA GLU B 128 16.20 31.15 6.55
C GLU B 128 16.11 29.65 6.22
N HIS B 129 15.76 29.33 4.98
CA HIS B 129 15.69 27.93 4.59
C HIS B 129 17.06 27.26 4.49
N ALA B 130 18.02 27.97 3.89
CA ALA B 130 19.39 27.46 3.79
C ALA B 130 19.90 27.23 5.22
N ASP B 131 19.53 28.09 6.15
CA ASP B 131 19.99 27.94 7.53
C ASP B 131 19.43 26.69 8.24
N TYR B 132 18.17 26.36 7.94
CA TYR B 132 17.53 25.15 8.38
C TYR B 132 18.33 23.95 7.86
N ILE B 133 18.66 23.94 6.55
CA ILE B 133 19.43 22.87 5.95
C ILE B 133 20.83 22.81 6.57
N ALA B 134 21.42 23.97 6.82
CA ALA B 134 22.74 24.02 7.42
C ALA B 134 22.74 23.36 8.83
N ALA B 135 21.72 23.68 9.61
CA ALA B 135 21.57 23.10 10.94
C ALA B 135 21.32 21.58 10.89
N ALA B 136 20.58 21.12 9.87
CA ALA B 136 20.39 19.67 9.67
C ALA B 136 21.71 19.01 9.28
N ARG B 137 22.49 19.66 8.42
CA ARG B 137 23.79 19.11 8.06
C ARG B 137 24.70 19.06 9.29
N GLN B 138 24.72 20.13 10.08
CA GLN B 138 25.45 20.15 11.35
C GLN B 138 25.10 18.94 12.22
N ALA B 139 23.79 18.67 12.39
CA ALA B 139 23.34 17.56 13.22
C ALA B 139 23.79 16.20 12.66
N ALA B 140 23.67 16.04 11.34
CA ALA B 140 24.14 14.79 10.69
C ALA B 140 25.65 14.61 10.92
N ASP B 141 26.40 15.69 10.73
CA ASP B 141 27.85 15.66 10.98
C ASP B 141 28.15 15.27 12.43
N VAL B 142 27.40 15.85 13.36
CA VAL B 142 27.63 15.54 14.73
C VAL B 142 27.31 14.07 15.03
N ALA B 143 26.23 13.57 14.44
CA ALA B 143 25.86 12.16 14.57
C ALA B 143 26.84 11.20 13.88
N GLY B 144 27.68 11.72 12.97
CA GLY B 144 28.70 10.93 12.28
C GLY B 144 28.13 10.10 11.13
N VAL B 145 27.10 10.62 10.49
CA VAL B 145 26.38 9.94 9.40
C VAL B 145 26.33 10.84 8.17
N ASP B 146 26.63 10.25 7.00
CA ASP B 146 26.61 10.98 5.71
C ASP B 146 25.20 11.10 5.16
N VAL B 147 24.30 11.62 5.96
CA VAL B 147 22.93 11.84 5.51
C VAL B 147 22.86 12.68 4.24
N VAL B 148 22.13 12.20 3.21
CA VAL B 148 21.93 12.98 1.96
C VAL B 148 20.73 13.88 2.18
N ILE B 149 21.03 15.14 2.52
CA ILE B 149 20.00 16.15 2.68
C ILE B 149 19.72 16.73 1.29
N ASN B 150 18.52 16.49 0.82
CA ASN B 150 18.02 16.96 -0.46
C ASN B 150 17.22 18.22 -0.22
N GLY B 151 17.81 19.36 -0.50
CA GLY B 151 17.20 20.65 -0.22
C GLY B 151 16.21 20.99 -1.31
N ARG B 152 14.94 20.99 -0.96
CA ARG B 152 13.86 21.28 -1.90
C ARG B 152 13.44 22.76 -1.87
N THR B 153 13.24 23.36 -3.05
CA THR B 153 12.56 24.65 -3.16
C THR B 153 11.33 24.55 -4.04
N ASP B 154 10.25 25.17 -3.58
CA ASP B 154 8.97 25.24 -4.31
C ASP B 154 8.83 26.49 -5.17
N ALA B 155 9.91 27.26 -5.31
CA ALA B 155 9.88 28.54 -6.02
C ALA B 155 9.18 28.50 -7.39
N VAL B 156 9.55 27.53 -8.24
CA VAL B 156 8.95 27.47 -9.57
C VAL B 156 7.46 27.17 -9.48
N LYS B 157 7.06 26.28 -8.58
CA LYS B 157 5.64 25.98 -8.36
C LYS B 157 4.88 27.16 -7.79
N LEU B 158 5.49 27.87 -6.84
CA LEU B 158 4.87 29.06 -6.27
C LEU B 158 4.63 30.12 -7.33
N GLY B 159 5.58 30.30 -8.22
CA GLY B 159 5.32 31.08 -9.43
C GLY B 159 5.31 32.59 -9.26
N ALA B 160 4.91 33.25 -10.34
CA ALA B 160 4.94 34.70 -10.45
C ALA B 160 4.09 35.41 -9.40
N ASP B 161 3.09 34.75 -8.83
CA ASP B 161 2.33 35.37 -7.75
C ASP B 161 3.17 35.56 -6.51
N VAL B 162 4.22 34.78 -6.36
CA VAL B 162 5.06 34.90 -5.19
C VAL B 162 6.37 35.59 -5.54
N PHE B 163 6.98 35.21 -6.65
CA PHE B 163 8.28 35.75 -7.05
C PHE B 163 8.20 36.37 -8.45
N GLU B 164 8.78 37.54 -8.62
CA GLU B 164 8.82 38.20 -9.92
C GLU B 164 9.45 37.32 -11.00
N ASP B 165 10.53 36.63 -10.65
CA ASP B 165 11.20 35.72 -11.57
C ASP B 165 11.47 34.43 -10.82
N PRO B 166 10.51 33.52 -10.84
CA PRO B 166 10.66 32.28 -10.09
C PRO B 166 11.92 31.50 -10.43
N VAL B 168 14.90 32.65 -11.39
CA VAL B 168 16.01 33.33 -10.72
C VAL B 168 15.98 33.03 -9.21
N GLU B 169 14.79 33.01 -8.63
CA GLU B 169 14.71 32.68 -7.20
C GLU B 169 15.13 31.23 -6.98
N ALA B 170 14.65 30.31 -7.81
CA ALA B 170 14.99 28.89 -7.67
C ALA B 170 16.51 28.71 -7.71
N ILE B 171 17.17 29.38 -8.65
CA ILE B 171 18.64 29.27 -8.77
C ILE B 171 19.37 29.78 -7.50
N LYS B 172 18.93 30.94 -7.02
CA LYS B 172 19.43 31.52 -5.78
C LYS B 172 19.33 30.50 -4.64
N ARG B 173 18.15 29.92 -4.50
CA ARG B 173 17.84 29.01 -3.41
C ARG B 173 18.63 27.73 -3.49
N ILE B 174 18.72 27.11 -4.66
CA ILE B 174 19.56 25.89 -4.73
C ILE B 174 21.06 26.16 -4.50
N LYS B 175 21.56 27.32 -4.92
CA LYS B 175 22.94 27.70 -4.62
CA LYS B 175 22.94 27.72 -4.62
C LYS B 175 23.16 27.85 -3.12
N LEU B 176 22.21 28.49 -2.44
CA LEU B 176 22.33 28.68 -1.00
C LEU B 176 22.26 27.34 -0.26
N GLU B 178 23.06 24.37 -1.46
CA GLU B 178 24.36 23.70 -1.68
C GLU B 178 25.42 24.23 -0.73
N GLN B 179 25.46 25.55 -0.59
CA GLN B 179 26.43 26.16 0.33
C GLN B 179 26.16 25.77 1.75
N ALA B 180 24.89 25.55 2.10
CA ALA B 180 24.51 25.09 3.44
C ALA B 180 24.84 23.61 3.74
N GLY B 181 25.26 22.84 2.75
CA GLY B 181 25.66 21.44 2.97
C GLY B 181 24.63 20.42 2.47
N ALA B 182 23.69 20.85 1.64
CA ALA B 182 22.81 19.87 0.93
C ALA B 182 23.62 19.05 -0.05
N ARG B 183 23.33 17.74 -0.09
CA ARG B 183 24.10 16.86 -0.98
C ARG B 183 23.33 16.61 -2.26
N SER B 184 22.12 17.17 -2.33
CA SER B 184 21.27 17.15 -3.52
C SER B 184 20.33 18.37 -3.41
N VAL B 185 19.82 18.86 -4.53
CA VAL B 185 18.79 19.90 -4.54
C VAL B 185 17.61 19.52 -5.43
N TYR B 186 16.45 20.07 -5.11
CA TYR B 186 15.20 19.62 -5.69
C TYR B 186 14.25 20.83 -5.96
N PRO B 187 14.49 21.53 -7.08
CA PRO B 187 13.67 22.66 -7.49
C PRO B 187 12.49 22.08 -8.22
N VAL B 188 11.41 21.82 -7.50
CA VAL B 188 10.21 21.13 -8.05
C VAL B 188 9.43 21.96 -9.04
N GLY B 189 8.68 21.30 -9.92
CA GLY B 189 7.77 22.02 -10.78
C GLY B 189 8.27 22.34 -12.15
N LEU B 190 9.38 21.72 -12.55
CA LEU B 190 10.01 22.05 -13.84
C LEU B 190 9.29 21.34 -14.98
N SER B 191 9.36 21.99 -16.14
CA SER B 191 8.70 21.45 -17.33
C SER B 191 9.48 21.57 -18.62
N THR B 192 10.59 22.31 -18.64
CA THR B 192 11.31 22.55 -19.89
C THR B 192 12.79 22.24 -19.74
N ALA B 193 13.41 21.89 -20.86
CA ALA B 193 14.82 21.63 -20.95
C ALA B 193 15.63 22.85 -20.52
N GLU B 194 15.16 24.05 -20.89
CA GLU B 194 15.88 25.26 -20.52
C GLU B 194 15.96 25.48 -19.01
N GLN B 195 14.85 25.26 -18.31
CA GLN B 195 14.83 25.30 -16.83
C GLN B 195 15.81 24.34 -16.23
N VAL B 196 15.76 23.10 -16.73
CA VAL B 196 16.63 22.03 -16.21
C VAL B 196 18.07 22.34 -16.36
N GLU B 197 18.46 22.82 -17.54
CA GLU B 197 19.83 23.15 -17.83
C GLU B 197 20.35 24.26 -16.93
N ARG B 198 19.54 25.28 -16.76
CA ARG B 198 19.90 26.40 -15.92
C ARG B 198 20.13 25.96 -14.49
N LEU B 199 19.31 25.05 -14.00
CA LEU B 199 19.43 24.65 -12.62
C LEU B 199 20.61 23.67 -12.43
N VAL B 200 20.75 22.70 -13.33
CA VAL B 200 21.90 21.78 -13.31
C VAL B 200 23.21 22.55 -13.32
N ASP B 201 23.29 23.60 -14.16
CA ASP B 201 24.48 24.35 -14.31
C ASP B 201 24.78 25.28 -13.12
N ALA B 202 23.83 25.48 -12.22
CA ALA B 202 24.03 26.44 -11.12
C ALA B 202 24.74 25.83 -9.89
N VAL B 203 24.78 24.51 -9.81
CA VAL B 203 25.28 23.80 -8.66
C VAL B 203 26.16 22.62 -9.10
N SER B 204 26.97 22.13 -8.17
CA SER B 204 27.86 21.00 -8.38
CA SER B 204 27.81 20.98 -8.46
C SER B 204 27.29 19.69 -7.84
N VAL B 205 26.23 19.77 -7.05
CA VAL B 205 25.54 18.59 -6.53
C VAL B 205 24.43 18.18 -7.49
N PRO B 206 23.86 16.98 -7.31
CA PRO B 206 22.73 16.61 -8.11
C PRO B 206 21.54 17.52 -8.04
N VAL B 207 20.92 17.69 -9.19
CA VAL B 207 19.58 18.26 -9.32
C VAL B 207 18.60 17.13 -9.55
N ASN B 208 17.55 17.11 -8.72
CA ASN B 208 16.46 16.09 -8.72
C ASN B 208 15.31 16.62 -9.55
N ILE B 209 14.79 15.80 -10.47
CA ILE B 209 13.55 16.06 -11.21
CA ILE B 209 13.53 16.12 -11.12
C ILE B 209 12.54 14.98 -10.82
N THR B 210 11.24 15.28 -10.97
CA THR B 210 10.17 14.34 -10.69
C THR B 210 9.62 13.78 -12.02
N ALA B 211 9.66 12.46 -12.18
CA ALA B 211 9.20 11.80 -13.39
C ALA B 211 7.94 10.95 -13.13
N HIS B 212 7.05 10.86 -14.12
CA HIS B 212 6.02 9.85 -14.16
C HIS B 212 6.71 8.55 -14.63
N PRO B 213 6.41 7.39 -14.02
CA PRO B 213 7.12 6.17 -14.42
C PRO B 213 6.88 5.71 -15.85
N VAL B 214 5.79 6.17 -16.47
CA VAL B 214 5.56 5.93 -17.90
C VAL B 214 5.83 7.19 -18.73
N ASP B 215 5.28 8.32 -18.31
CA ASP B 215 5.34 9.55 -19.11
C ASP B 215 6.64 10.33 -18.97
N GLY B 216 7.46 10.01 -18.00
CA GLY B 216 8.69 10.75 -17.85
C GLY B 216 8.49 12.17 -17.33
N HIS B 217 9.28 13.10 -17.86
CA HIS B 217 9.34 14.51 -17.47
C HIS B 217 9.11 15.37 -18.69
N GLY B 218 8.51 16.54 -18.49
CA GLY B 218 8.28 17.45 -19.59
C GLY B 218 9.50 17.92 -20.34
N ALA B 219 10.66 17.94 -19.69
CA ALA B 219 11.87 18.54 -20.31
C ALA B 219 12.41 17.67 -21.44
N GLY B 220 12.05 16.40 -21.46
CA GLY B 220 12.52 15.52 -22.52
C GLY B 220 12.60 14.09 -22.04
N ASP B 221 12.96 13.19 -22.94
CA ASP B 221 13.04 11.78 -22.57
C ASP B 221 14.29 11.52 -21.75
N LEU B 222 14.39 10.30 -21.24
CA LEU B 222 15.41 9.94 -20.29
C LEU B 222 16.81 10.19 -20.83
N ALA B 223 17.02 9.95 -22.13
CA ALA B 223 18.35 10.22 -22.73
C ALA B 223 18.62 11.72 -22.76
N THR B 224 17.58 12.48 -23.05
CA THR B 224 17.71 13.93 -23.01
C THR B 224 18.04 14.47 -21.63
N LEU B 225 17.38 13.91 -20.60
CA LEU B 225 17.61 14.25 -19.20
C LEU B 225 19.04 13.97 -18.83
N ALA B 226 19.55 12.82 -19.24
CA ALA B 226 20.95 12.46 -18.94
C ALA B 226 21.89 13.45 -19.61
N GLY B 227 21.59 13.80 -20.85
CA GLY B 227 22.36 14.77 -21.59
C GLY B 227 22.35 16.17 -21.00
N LEU B 228 21.22 16.56 -20.39
CA LEU B 228 21.12 17.83 -19.69
C LEU B 228 21.91 17.83 -18.37
N GLY B 229 22.36 16.68 -17.91
CA GLY B 229 23.15 16.55 -16.69
C GLY B 229 22.34 16.31 -15.40
N VAL B 230 21.06 15.93 -15.55
CA VAL B 230 20.20 15.56 -14.40
C VAL B 230 20.86 14.39 -13.66
N ARG B 231 20.93 14.44 -12.31
CA ARG B 231 21.62 13.40 -11.56
C ARG B 231 20.74 12.69 -10.54
N ARG B 232 19.50 13.11 -10.41
CA ARG B 232 18.58 12.39 -9.51
C ARG B 232 17.17 12.45 -10.09
N VAL B 233 16.52 11.28 -10.16
CA VAL B 233 15.17 11.14 -10.70
C VAL B 233 14.38 10.37 -9.62
N THR B 234 13.27 10.96 -9.19
CA THR B 234 12.34 10.35 -8.27
C THR B 234 10.93 10.44 -8.88
N PHE B 235 9.95 9.77 -8.26
CA PHE B 235 8.59 9.70 -8.84
C PHE B 235 7.52 10.50 -8.07
N GLY B 236 7.85 10.99 -6.88
CA GLY B 236 6.90 11.69 -6.05
C GLY B 236 5.65 10.80 -5.89
N PRO B 237 4.45 11.38 -6.04
CA PRO B 237 3.23 10.58 -5.93
C PRO B 237 2.86 9.77 -7.21
N LEU B 238 3.66 9.89 -8.27
CA LEU B 238 3.18 9.50 -9.60
C LEU B 238 3.26 8.01 -9.87
N TRP B 239 4.06 7.23 -9.14
CA TRP B 239 3.98 5.78 -9.26
C TRP B 239 2.67 5.27 -8.68
N GLN B 240 2.37 5.69 -7.46
CA GLN B 240 1.08 5.34 -6.90
C GLN B 240 -0.04 5.84 -7.79
N LYS B 241 0.04 7.07 -8.30
CA LYS B 241 -1.08 7.54 -9.12
C LYS B 241 -1.25 6.73 -10.42
N TRP B 242 -0.14 6.37 -11.03
CA TRP B 242 -0.14 5.52 -12.22
C TRP B 242 -0.81 4.17 -11.90
N LEU B 243 -0.45 3.53 -10.79
CA LEU B 243 -1.10 2.29 -10.39
C LEU B 243 -2.60 2.47 -10.21
N ALA B 244 -2.98 3.62 -9.69
CA ALA B 244 -4.39 3.91 -9.47
C ALA B 244 -5.13 3.98 -10.78
N ALA B 245 -4.55 4.67 -11.75
CA ALA B 245 -5.21 4.84 -13.05
C ALA B 245 -5.32 3.49 -13.79
N THR B 246 -4.23 2.73 -13.73
CA THR B 246 -4.17 1.37 -14.29
C THR B 246 -5.27 0.48 -13.68
N SER B 247 -5.38 0.53 -12.36
CA SER B 247 -6.40 -0.23 -11.63
C SER B 247 -7.79 0.21 -12.01
N ALA B 248 -8.01 1.52 -12.01
CA ALA B 248 -9.35 2.04 -12.37
C ALA B 248 -9.85 1.55 -13.72
N GLN B 249 -8.99 1.58 -14.71
CA GLN B 249 -9.32 1.13 -16.05
C GLN B 249 -9.63 -0.36 -16.06
N GLN B 250 -8.85 -1.16 -15.35
CA GLN B 250 -9.04 -2.61 -15.32
C GLN B 250 -10.28 -3.02 -14.52
N LEU B 251 -10.59 -2.29 -13.47
CA LEU B 251 -11.81 -2.55 -12.69
C LEU B 251 -13.11 -2.35 -13.44
N LYS B 252 -13.11 -1.53 -14.50
CA LYS B 252 -14.30 -1.38 -15.34
C LYS B 252 -14.73 -2.70 -15.94
N GLY B 253 -13.84 -3.67 -16.07
CA GLY B 253 -14.24 -4.98 -16.56
C GLY B 253 -15.07 -5.79 -15.54
N TRP B 254 -15.01 -5.38 -14.27
CA TRP B 254 -15.58 -6.15 -13.17
C TRP B 254 -16.86 -5.58 -12.59
N ALA B 255 -17.03 -4.28 -12.67
CA ALA B 255 -18.29 -3.65 -12.28
C ALA B 255 -18.49 -2.44 -13.13
#